data_8G2E
#
_entry.id   8G2E
#
_cell.length_a   84.810
_cell.length_b   115.965
_cell.length_c   131.841
_cell.angle_alpha   90.00
_cell.angle_beta   90.00
_cell.angle_gamma   90.00
#
_symmetry.space_group_name_H-M   'I 2 2 2'
#
loop_
_entity.id
_entity.type
_entity.pdbx_description
1 polymer 'Pyruvate kinase PKM'
2 non-polymer 3-[(3-aminophenyl)methyl]-5-methyl-7-[methyl(oxidanyl)-$l^{3}-sulfanyl]pyridazino[4,5-b]indol-4-one
3 non-polymer 1,2-ETHANEDIOL
4 non-polymer 'OXALATE ION'
5 non-polymer 'SULFATE ION'
6 non-polymer 'MAGNESIUM ION'
7 non-polymer 'SODIUM ION'
8 water water
#
_entity_poly.entity_id   1
_entity_poly.type   'polypeptide(L)'
_entity_poly.pdbx_seq_one_letter_code
;MGSSHHHHHHSSGLVPRGSMSKPHSEAGTAFIQTQQLHAAMADTFLEHMCRLDIDSPPITARNTGIICTIGPASRSVETL
KEMIKSGMNVARLNFSHGTHEYHAETIKNVRTATESFASDPILYRPVAVALDTKGPEIRTGLIKGSGTAEVELKKGATLK
ITLDNAYMEKCDENILWLDYKNICKVVEVGSKIYVDDGLISLQVKQKGADFLVTEVENGGSLGSKKGVNLPGAAVDLPAV
SEKDIQDLKFGVEQDVDMVFASFIRKASDVHEVRKVLGEKGKNIKIISKIENHEGVRRFDEILEASDGIMVARGDLGIEI
PAEKVFLAQKMMIGRCNRAGKPVICATQMLESMIKKPRPTRAEGSDVANAVLDGADCIMLSGETAKGDYPLEAVRMQHLI
AREAEAAIYHLQLFEELRRLAPITSDPTEATAVGAVEASFKCCSGAIIVLTKSGRSAHQVARYRPRAPIIAVTRNPQTAR
QAHLYRGIFPVLCKDPVQEAWAEDVDLRVNFAMNVGKARGFFKKGDVVIVLTGWRPGSGFTNTMRVVPVP
;
_entity_poly.pdbx_strand_id   A
#
# COMPACT_ATOMS: atom_id res chain seq x y z
N ILE A 32 8.71 31.22 3.45
CA ILE A 32 8.64 30.74 2.07
C ILE A 32 9.88 29.92 1.65
N GLN A 33 10.98 30.00 2.40
CA GLN A 33 12.17 29.23 2.08
C GLN A 33 11.96 27.74 2.38
N THR A 34 11.14 27.38 3.39
CA THR A 34 10.94 25.96 3.73
C THR A 34 9.78 25.31 2.95
N GLN A 35 9.72 23.96 2.96
CA GLN A 35 8.64 23.16 2.38
C GLN A 35 8.29 23.48 0.92
N GLN A 36 9.28 23.88 0.12
CA GLN A 36 9.09 24.27 -1.28
C GLN A 36 7.98 25.33 -1.41
N LEU A 37 7.85 26.24 -0.43
CA LEU A 37 6.77 27.23 -0.47
C LEU A 37 6.96 28.26 -1.60
N HIS A 38 8.21 28.49 -2.07
CA HIS A 38 8.41 29.37 -3.22
C HIS A 38 7.85 28.71 -4.49
N ALA A 39 8.14 27.40 -4.70
CA ALA A 39 7.54 26.67 -5.82
C ALA A 39 6.01 26.55 -5.65
N ALA A 40 5.52 26.46 -4.41
CA ALA A 40 4.09 26.34 -4.12
C ALA A 40 3.29 27.56 -4.62
N MET A 41 3.93 28.74 -4.67
CA MET A 41 3.28 29.98 -5.08
C MET A 41 3.29 30.24 -6.59
N ALA A 42 3.98 29.40 -7.39
CA ALA A 42 4.05 29.61 -8.83
C ALA A 42 2.67 29.50 -9.45
N ASP A 43 2.33 30.36 -10.44
CA ASP A 43 0.99 30.23 -11.02
C ASP A 43 0.95 29.36 -12.25
N THR A 44 2.06 28.68 -12.62
CA THR A 44 2.04 27.69 -13.72
C THR A 44 2.79 26.46 -13.23
N PHE A 45 2.47 25.29 -13.78
CA PHE A 45 3.18 24.07 -13.42
C PHE A 45 4.66 24.17 -13.85
N LEU A 46 4.96 24.74 -15.03
CA LEU A 46 6.35 24.89 -15.48
C LEU A 46 7.15 25.74 -14.49
N GLU A 47 6.60 26.89 -14.03
CA GLU A 47 7.35 27.71 -13.06
C GLU A 47 7.50 26.99 -11.70
N HIS A 48 6.49 26.19 -11.32
CA HIS A 48 6.54 25.36 -10.12
C HIS A 48 7.77 24.43 -10.20
N MET A 49 7.96 23.75 -11.34
CA MET A 49 9.13 22.87 -11.53
CA MET A 49 9.12 22.87 -11.53
C MET A 49 10.42 23.67 -11.42
N CYS A 50 10.49 24.83 -12.10
CA CYS A 50 11.69 25.69 -12.11
C CYS A 50 12.09 26.15 -10.72
N ARG A 51 11.13 26.26 -9.81
CA ARG A 51 11.39 26.73 -8.45
C ARG A 51 11.71 25.65 -7.44
N LEU A 52 11.67 24.35 -7.81
CA LEU A 52 11.99 23.28 -6.84
C LEU A 52 13.43 23.44 -6.37
N ASP A 53 13.61 23.48 -5.06
CA ASP A 53 14.87 23.84 -4.42
C ASP A 53 15.41 22.75 -3.54
N ILE A 54 16.61 22.20 -3.87
CA ILE A 54 17.21 21.16 -3.02
C ILE A 54 17.59 21.69 -1.61
N ASP A 55 17.71 23.00 -1.44
CA ASP A 55 18.06 23.59 -0.14
C ASP A 55 16.85 24.03 0.68
N SER A 56 15.62 23.74 0.21
CA SER A 56 14.40 24.11 0.94
C SER A 56 14.02 22.92 1.81
N PRO A 57 14.15 23.04 3.14
CA PRO A 57 13.86 21.87 3.99
C PRO A 57 12.39 21.51 4.09
N PRO A 58 12.04 20.21 4.02
CA PRO A 58 10.64 19.83 4.25
C PRO A 58 10.27 19.94 5.73
N ILE A 59 8.95 19.82 6.02
CA ILE A 59 8.48 19.78 7.42
C ILE A 59 8.88 18.41 7.99
N THR A 60 8.80 18.24 9.32
CA THR A 60 9.12 16.98 9.96
C THR A 60 8.13 15.88 9.56
N ALA A 61 6.83 16.21 9.43
CA ALA A 61 5.83 15.18 9.13
C ALA A 61 5.97 14.53 7.78
N ARG A 62 5.87 13.20 7.73
CA ARG A 62 5.91 12.42 6.49
C ARG A 62 4.54 11.75 6.39
N ASN A 63 3.75 12.17 5.38
CA ASN A 63 2.35 11.86 5.12
C ASN A 63 2.05 10.53 4.46
N THR A 64 2.94 10.02 3.61
CA THR A 64 2.67 8.80 2.85
C THR A 64 2.95 7.58 3.70
N GLY A 65 1.96 6.70 3.82
CA GLY A 65 2.15 5.48 4.61
C GLY A 65 3.17 4.55 3.96
N ILE A 66 3.96 3.84 4.79
CA ILE A 66 4.94 2.88 4.33
C ILE A 66 4.52 1.49 4.76
N ILE A 67 4.35 0.59 3.77
CA ILE A 67 3.95 -0.80 4.03
C ILE A 67 5.19 -1.67 3.83
N CYS A 68 5.54 -2.50 4.83
CA CYS A 68 6.73 -3.37 4.75
C CYS A 68 6.36 -4.83 4.77
N THR A 69 6.89 -5.61 3.83
CA THR A 69 6.66 -7.05 3.83
C THR A 69 7.57 -7.68 4.86
N ILE A 70 6.99 -8.50 5.74
CA ILE A 70 7.79 -9.13 6.79
C ILE A 70 8.28 -10.50 6.31
N GLY A 71 9.51 -10.83 6.67
CA GLY A 71 10.11 -12.11 6.32
C GLY A 71 11.30 -12.41 7.19
N PRO A 72 12.18 -13.32 6.74
CA PRO A 72 13.34 -13.69 7.56
C PRO A 72 14.25 -12.55 7.97
N ALA A 73 14.33 -11.48 7.16
CA ALA A 73 15.18 -10.34 7.52
C ALA A 73 14.57 -9.40 8.54
N SER A 74 13.26 -9.52 8.81
CA SER A 74 12.55 -8.53 9.59
C SER A 74 11.52 -9.07 10.57
N ARG A 75 11.50 -10.39 10.88
CA ARG A 75 10.42 -10.88 11.72
C ARG A 75 10.73 -11.02 13.21
N SER A 76 11.97 -10.77 13.63
CA SER A 76 12.27 -10.79 15.07
C SER A 76 11.70 -9.53 15.75
N VAL A 77 11.35 -9.63 17.04
CA VAL A 77 10.81 -8.49 17.78
C VAL A 77 11.78 -7.32 17.79
N GLU A 78 13.09 -7.59 17.98
CA GLU A 78 14.11 -6.55 18.01
C GLU A 78 14.15 -5.79 16.68
N THR A 79 14.12 -6.50 15.55
CA THR A 79 14.14 -5.83 14.24
C THR A 79 12.86 -5.07 13.98
N LEU A 80 11.71 -5.64 14.35
CA LEU A 80 10.42 -4.98 14.15
C LEU A 80 10.33 -3.66 14.93
N LYS A 81 10.93 -3.59 16.13
CA LYS A 81 10.98 -2.32 16.87
C LYS A 81 11.77 -1.28 16.06
N GLU A 82 12.91 -1.68 15.47
CA GLU A 82 13.70 -0.75 14.65
C GLU A 82 12.94 -0.36 13.37
N MET A 83 12.16 -1.30 12.80
CA MET A 83 11.35 -1.04 11.60
CA MET A 83 11.39 -0.97 11.61
C MET A 83 10.31 0.04 11.90
N ILE A 84 9.66 -0.04 13.09
CA ILE A 84 8.64 0.96 13.45
C ILE A 84 9.31 2.32 13.62
N LYS A 85 10.47 2.33 14.32
CA LYS A 85 11.24 3.56 14.53
C LYS A 85 11.70 4.16 13.18
N SER A 86 12.00 3.31 12.21
CA SER A 86 12.47 3.76 10.88
C SER A 86 11.35 4.32 10.01
N GLY A 87 10.10 3.95 10.31
CA GLY A 87 8.95 4.49 9.59
C GLY A 87 7.86 3.53 9.15
N MET A 88 8.01 2.22 9.43
CA MET A 88 6.99 1.24 9.05
C MET A 88 5.63 1.55 9.68
N ASN A 89 4.60 1.61 8.85
CA ASN A 89 3.24 1.86 9.35
C ASN A 89 2.33 0.64 9.24
N VAL A 90 2.61 -0.24 8.26
CA VAL A 90 1.80 -1.43 8.00
C VAL A 90 2.74 -2.61 7.79
N ALA A 91 2.46 -3.76 8.43
CA ALA A 91 3.26 -4.96 8.22
C ALA A 91 2.45 -5.87 7.29
N ARG A 92 3.05 -6.26 6.17
CA ARG A 92 2.37 -7.08 5.18
C ARG A 92 2.85 -8.51 5.30
N LEU A 93 1.90 -9.42 5.41
CA LEU A 93 2.15 -10.87 5.50
C LEU A 93 1.85 -11.44 4.13
N ASN A 94 2.84 -12.00 3.45
CA ASN A 94 2.63 -12.55 2.13
C ASN A 94 2.23 -14.03 2.21
N PHE A 95 0.95 -14.33 1.99
CA PHE A 95 0.44 -15.70 2.09
C PHE A 95 0.74 -16.56 0.84
N SER A 96 1.58 -16.05 -0.09
CA SER A 96 2.07 -16.89 -1.17
C SER A 96 3.10 -17.92 -0.60
N HIS A 97 3.65 -17.68 0.62
CA HIS A 97 4.62 -18.54 1.28
C HIS A 97 4.31 -18.68 2.77
N GLY A 98 4.80 -19.75 3.39
CA GLY A 98 4.66 -19.92 4.83
C GLY A 98 3.37 -20.55 5.29
N THR A 99 3.40 -21.17 6.47
CA THR A 99 2.23 -21.81 7.05
C THR A 99 1.45 -20.82 7.96
N HIS A 100 0.25 -21.22 8.40
CA HIS A 100 -0.51 -20.44 9.37
C HIS A 100 0.25 -20.29 10.68
N GLU A 101 1.03 -21.31 11.10
CA GLU A 101 1.80 -21.22 12.34
C GLU A 101 2.90 -20.15 12.19
N TYR A 102 3.56 -20.12 11.02
CA TYR A 102 4.60 -19.14 10.73
C TYR A 102 4.00 -17.72 10.76
N HIS A 103 2.87 -17.52 10.09
CA HIS A 103 2.23 -16.20 10.05
C HIS A 103 1.66 -15.76 11.38
N ALA A 104 1.14 -16.70 12.19
CA ALA A 104 0.65 -16.34 13.53
C ALA A 104 1.81 -15.85 14.40
N GLU A 105 3.00 -16.46 14.26
CA GLU A 105 4.18 -16.03 15.02
C GLU A 105 4.65 -14.64 14.56
N THR A 106 4.59 -14.39 13.24
CA THR A 106 4.95 -13.06 12.73
C THR A 106 4.01 -11.99 13.32
N ILE A 107 2.70 -12.27 13.32
CA ILE A 107 1.70 -11.33 13.84
C ILE A 107 1.93 -11.10 15.35
N LYS A 108 2.29 -12.15 16.08
CA LYS A 108 2.59 -12.03 17.51
C LYS A 108 3.80 -11.12 17.74
N ASN A 109 4.84 -11.28 16.91
CA ASN A 109 6.03 -10.45 17.03
C ASN A 109 5.77 -9.00 16.65
N VAL A 110 4.95 -8.77 15.63
CA VAL A 110 4.57 -7.41 15.22
C VAL A 110 3.85 -6.72 16.38
N ARG A 111 2.93 -7.44 17.03
CA ARG A 111 2.18 -6.88 18.14
C ARG A 111 3.05 -6.65 19.37
N THR A 112 4.03 -7.52 19.67
CA THR A 112 4.94 -7.32 20.80
C THR A 112 5.77 -6.06 20.56
N ALA A 113 6.32 -5.93 19.35
CA ALA A 113 7.12 -4.77 19.00
C ALA A 113 6.26 -3.49 19.05
N THR A 114 5.05 -3.51 18.48
CA THR A 114 4.20 -2.31 18.46
C THR A 114 3.80 -1.86 19.86
N GLU A 115 3.41 -2.81 20.71
CA GLU A 115 2.98 -2.49 22.07
C GLU A 115 4.11 -2.18 23.02
N SER A 116 5.37 -2.45 22.65
CA SER A 116 6.52 -2.07 23.47
C SER A 116 6.60 -0.51 23.60
N PHE A 117 5.93 0.25 22.71
CA PHE A 117 5.91 1.70 22.75
C PHE A 117 4.62 2.29 23.34
N ALA A 118 3.66 1.45 23.73
CA ALA A 118 2.35 1.88 24.20
C ALA A 118 2.36 2.68 25.48
N SER A 119 3.38 2.52 26.33
CA SER A 119 3.42 3.26 27.61
C SER A 119 3.52 4.78 27.43
N ASP A 120 3.82 5.28 26.22
CA ASP A 120 3.83 6.71 25.96
C ASP A 120 2.86 6.99 24.83
N PRO A 121 1.56 7.22 25.15
CA PRO A 121 0.56 7.47 24.09
C PRO A 121 0.86 8.65 23.18
N ILE A 122 1.55 9.66 23.71
CA ILE A 122 1.92 10.83 22.93
C ILE A 122 2.83 10.44 21.75
N LEU A 123 3.70 9.45 21.94
CA LEU A 123 4.61 9.02 20.87
C LEU A 123 4.23 7.71 20.21
N TYR A 124 3.28 6.95 20.78
CA TYR A 124 2.89 5.64 20.24
C TYR A 124 2.41 5.75 18.81
N ARG A 125 3.00 4.93 17.94
CA ARG A 125 2.62 4.88 16.53
C ARG A 125 1.83 3.59 16.30
N PRO A 126 0.54 3.68 15.97
CA PRO A 126 -0.21 2.47 15.64
C PRO A 126 0.38 1.76 14.42
N VAL A 127 0.35 0.44 14.40
CA VAL A 127 0.90 -0.34 13.28
C VAL A 127 -0.16 -1.33 12.80
N ALA A 128 -0.53 -1.26 11.51
CA ALA A 128 -1.55 -2.14 10.97
C ALA A 128 -0.94 -3.49 10.50
N VAL A 129 -1.78 -4.50 10.41
CA VAL A 129 -1.41 -5.82 9.91
C VAL A 129 -2.25 -6.08 8.66
N ALA A 130 -1.57 -6.37 7.54
CA ALA A 130 -2.24 -6.61 6.28
C ALA A 130 -1.96 -8.04 5.83
N LEU A 131 -2.99 -8.74 5.37
CA LEU A 131 -2.85 -10.12 4.85
C LEU A 131 -2.90 -10.04 3.35
N ASP A 132 -1.85 -10.47 2.68
CA ASP A 132 -1.81 -10.44 1.21
C ASP A 132 -2.05 -11.88 0.69
N THR A 133 -3.17 -12.12 -0.02
CA THR A 133 -3.50 -13.46 -0.49
C THR A 133 -2.57 -14.00 -1.58
N LYS A 134 -2.47 -15.33 -1.66
CA LYS A 134 -1.70 -15.95 -2.73
C LYS A 134 -2.47 -15.72 -4.04
N GLY A 135 -3.78 -15.96 -4.03
CA GLY A 135 -4.61 -15.80 -5.21
C GLY A 135 -4.30 -16.82 -6.30
N PRO A 136 -4.78 -16.56 -7.52
CA PRO A 136 -4.57 -17.52 -8.62
C PRO A 136 -3.18 -17.47 -9.26
N GLU A 137 -2.15 -17.88 -8.51
CA GLU A 137 -0.79 -17.97 -8.98
C GLU A 137 -0.57 -19.30 -9.71
N ILE A 138 0.45 -19.33 -10.56
CA ILE A 138 0.91 -20.56 -11.20
C ILE A 138 2.35 -20.70 -10.72
N ARG A 139 2.72 -21.87 -10.22
CA ARG A 139 4.06 -22.11 -9.71
C ARG A 139 4.67 -23.37 -10.33
N THR A 140 6.00 -23.38 -10.47
CA THR A 140 6.71 -24.56 -10.97
C THR A 140 7.04 -25.52 -9.77
N GLY A 141 7.59 -26.70 -10.06
CA GLY A 141 7.93 -27.66 -9.02
C GLY A 141 9.33 -27.49 -8.50
N LEU A 142 9.85 -28.52 -7.82
CA LEU A 142 11.20 -28.46 -7.25
C LEU A 142 12.24 -28.99 -8.22
N ILE A 143 13.39 -28.31 -8.33
CA ILE A 143 14.48 -28.76 -9.18
C ILE A 143 15.20 -29.90 -8.45
N LYS A 144 15.27 -31.10 -9.05
CA LYS A 144 15.99 -32.26 -8.51
C LYS A 144 15.69 -32.65 -7.05
N GLY A 145 14.56 -32.19 -6.50
CA GLY A 145 14.17 -32.49 -5.13
C GLY A 145 14.73 -31.55 -4.06
N SER A 146 15.57 -30.60 -4.46
CA SER A 146 16.17 -29.66 -3.50
C SER A 146 15.64 -28.23 -3.66
N GLY A 147 15.69 -27.46 -2.58
CA GLY A 147 15.26 -26.06 -2.57
C GLY A 147 16.32 -25.09 -3.04
N THR A 148 17.60 -25.49 -2.98
CA THR A 148 18.71 -24.63 -3.42
C THR A 148 19.22 -24.97 -4.84
N ALA A 149 18.93 -26.18 -5.33
CA ALA A 149 19.36 -26.63 -6.64
C ALA A 149 18.80 -25.76 -7.78
N GLU A 150 19.63 -25.50 -8.79
CA GLU A 150 19.23 -24.70 -9.95
C GLU A 150 19.74 -25.32 -11.25
N VAL A 151 19.01 -25.12 -12.34
CA VAL A 151 19.43 -25.62 -13.64
C VAL A 151 19.62 -24.45 -14.62
N GLU A 152 20.50 -24.61 -15.61
CA GLU A 152 20.74 -23.56 -16.59
C GLU A 152 19.93 -23.76 -17.83
N LEU A 153 19.06 -22.80 -18.16
CA LEU A 153 18.26 -22.87 -19.37
C LEU A 153 18.99 -22.01 -20.39
N LYS A 154 19.42 -22.61 -21.49
CA LYS A 154 20.14 -21.87 -22.53
C LYS A 154 19.19 -21.43 -23.62
N LYS A 155 19.41 -20.22 -24.20
CA LYS A 155 18.57 -19.71 -25.28
C LYS A 155 18.64 -20.67 -26.48
N GLY A 156 17.50 -20.97 -27.07
CA GLY A 156 17.40 -21.87 -28.20
C GLY A 156 17.08 -23.32 -27.81
N ALA A 157 17.37 -23.69 -26.56
CA ALA A 157 17.12 -25.06 -26.11
C ALA A 157 15.65 -25.41 -25.98
N THR A 158 15.32 -26.69 -26.06
CA THR A 158 13.96 -27.17 -25.92
C THR A 158 13.67 -27.43 -24.41
N LEU A 159 12.43 -27.23 -24.00
CA LEU A 159 12.01 -27.43 -22.61
C LEU A 159 10.57 -27.89 -22.61
N LYS A 160 10.33 -29.10 -22.11
CA LYS A 160 8.99 -29.65 -22.09
C LYS A 160 8.31 -29.27 -20.79
N ILE A 161 7.07 -28.80 -20.87
CA ILE A 161 6.28 -28.47 -19.69
C ILE A 161 5.34 -29.64 -19.47
N THR A 162 5.42 -30.25 -18.30
CA THR A 162 4.58 -31.38 -17.97
C THR A 162 3.65 -31.07 -16.81
N LEU A 163 2.54 -31.78 -16.74
CA LEU A 163 1.59 -31.71 -15.65
C LEU A 163 1.56 -33.04 -14.83
N ASP A 164 2.44 -34.01 -15.17
CA ASP A 164 2.56 -35.32 -14.53
C ASP A 164 3.20 -35.14 -13.16
N ASN A 165 2.43 -35.39 -12.08
CA ASN A 165 2.88 -35.24 -10.70
C ASN A 165 4.11 -36.06 -10.33
N ALA A 166 4.43 -37.08 -11.13
CA ALA A 166 5.65 -37.86 -10.94
C ALA A 166 6.91 -36.97 -11.08
N TYR A 167 6.81 -35.84 -11.81
CA TYR A 167 7.91 -34.91 -12.02
C TYR A 167 7.77 -33.62 -11.21
N MET A 168 6.80 -33.51 -10.29
CA MET A 168 6.62 -32.29 -9.51
C MET A 168 7.83 -31.96 -8.61
N GLU A 169 8.67 -32.96 -8.30
CA GLU A 169 9.91 -32.72 -7.57
C GLU A 169 11.15 -33.10 -8.39
N LYS A 170 11.01 -33.30 -9.73
CA LYS A 170 12.08 -33.71 -10.61
C LYS A 170 12.24 -32.77 -11.80
N CYS A 171 12.11 -31.45 -11.55
CA CYS A 171 12.29 -30.46 -12.61
C CYS A 171 13.78 -30.38 -12.97
N ASP A 172 14.07 -30.18 -14.25
CA ASP A 172 15.45 -29.99 -14.72
C ASP A 172 15.46 -29.16 -16.02
N GLU A 173 16.60 -29.09 -16.72
CA GLU A 173 16.72 -28.33 -17.96
C GLU A 173 15.90 -28.92 -19.11
N ASN A 174 15.41 -30.17 -18.98
CA ASN A 174 14.64 -30.81 -20.03
C ASN A 174 13.14 -30.84 -19.76
N ILE A 175 12.75 -30.90 -18.48
CA ILE A 175 11.35 -31.00 -18.14
C ILE A 175 10.97 -30.13 -16.94
N LEU A 176 9.90 -29.35 -17.11
CA LEU A 176 9.42 -28.44 -16.09
C LEU A 176 7.97 -28.74 -15.72
N TRP A 177 7.73 -29.09 -14.46
CA TRP A 177 6.38 -29.33 -13.98
C TRP A 177 5.80 -28.00 -13.47
N LEU A 178 4.52 -27.79 -13.68
CA LEU A 178 3.82 -26.65 -13.08
C LEU A 178 2.43 -27.06 -12.57
N ASP A 179 1.90 -26.31 -11.60
CA ASP A 179 0.65 -26.70 -10.93
C ASP A 179 -0.64 -26.25 -11.57
N TYR A 180 -0.62 -25.60 -12.75
CA TYR A 180 -1.85 -25.18 -13.40
C TYR A 180 -2.29 -26.28 -14.37
N LYS A 181 -3.18 -27.17 -13.90
CA LYS A 181 -3.67 -28.34 -14.64
C LYS A 181 -4.37 -28.04 -15.98
N ASN A 182 -4.96 -26.84 -16.15
CA ASN A 182 -5.64 -26.49 -17.40
C ASN A 182 -4.80 -25.65 -18.36
N ILE A 183 -3.49 -25.58 -18.18
CA ILE A 183 -2.63 -24.72 -19.01
C ILE A 183 -2.75 -24.99 -20.52
N CYS A 184 -2.90 -26.26 -20.94
CA CYS A 184 -2.98 -26.56 -22.37
C CYS A 184 -4.25 -26.02 -23.03
N LYS A 185 -5.34 -25.85 -22.25
CA LYS A 185 -6.58 -25.33 -22.80
C LYS A 185 -6.54 -23.80 -23.06
N VAL A 186 -5.62 -23.06 -22.41
CA VAL A 186 -5.62 -21.61 -22.55
C VAL A 186 -4.44 -21.07 -23.37
N VAL A 187 -3.43 -21.88 -23.68
CA VAL A 187 -2.32 -21.42 -24.52
C VAL A 187 -2.37 -22.10 -25.91
N GLU A 188 -1.66 -21.53 -26.89
CA GLU A 188 -1.59 -22.09 -28.24
C GLU A 188 -0.12 -22.06 -28.71
N VAL A 189 0.17 -22.61 -29.92
CA VAL A 189 1.52 -22.52 -30.49
C VAL A 189 1.84 -21.03 -30.72
N GLY A 190 2.99 -20.60 -30.27
CA GLY A 190 3.37 -19.20 -30.37
C GLY A 190 3.20 -18.45 -29.06
N SER A 191 2.41 -19.02 -28.10
CA SER A 191 2.18 -18.38 -26.79
C SER A 191 3.48 -18.21 -26.02
N LYS A 192 3.63 -17.07 -25.32
CA LYS A 192 4.82 -16.85 -24.50
C LYS A 192 4.50 -17.24 -23.06
N ILE A 193 5.47 -17.86 -22.38
CA ILE A 193 5.36 -18.28 -20.99
C ILE A 193 6.53 -17.66 -20.26
N TYR A 194 6.24 -16.91 -19.17
CA TYR A 194 7.30 -16.26 -18.41
C TYR A 194 7.47 -16.94 -17.08
N VAL A 195 8.70 -17.07 -16.62
CA VAL A 195 9.00 -17.74 -15.36
C VAL A 195 9.98 -16.92 -14.54
N ASP A 196 9.74 -16.84 -13.22
CA ASP A 196 10.57 -16.15 -12.22
C ASP A 196 10.64 -14.64 -12.46
N ASP A 197 9.57 -13.92 -12.09
CA ASP A 197 9.52 -12.46 -12.30
C ASP A 197 9.72 -12.06 -13.76
N GLY A 198 9.23 -12.92 -14.66
CA GLY A 198 9.34 -12.72 -16.09
C GLY A 198 10.75 -12.67 -16.63
N LEU A 199 11.75 -13.19 -15.90
CA LEU A 199 13.15 -13.16 -16.33
C LEU A 199 13.49 -14.24 -17.35
N ILE A 200 12.83 -15.39 -17.22
CA ILE A 200 12.98 -16.49 -18.17
C ILE A 200 11.75 -16.47 -19.08
N SER A 201 11.97 -16.51 -20.39
CA SER A 201 10.90 -16.47 -21.38
CA SER A 201 10.85 -16.52 -21.33
C SER A 201 10.95 -17.72 -22.24
N LEU A 202 9.80 -18.34 -22.50
CA LEU A 202 9.67 -19.54 -23.32
C LEU A 202 8.58 -19.30 -24.35
N GLN A 203 8.67 -19.97 -25.50
CA GLN A 203 7.63 -19.85 -26.51
C GLN A 203 7.14 -21.26 -26.81
N VAL A 204 5.82 -21.47 -26.77
CA VAL A 204 5.23 -22.77 -27.05
C VAL A 204 5.47 -23.10 -28.54
N LYS A 205 6.15 -24.20 -28.81
CA LYS A 205 6.42 -24.66 -30.17
C LYS A 205 5.51 -25.82 -30.55
N GLN A 206 5.20 -26.69 -29.58
CA GLN A 206 4.30 -27.81 -29.82
C GLN A 206 3.34 -27.95 -28.64
N LYS A 207 2.09 -28.23 -28.93
CA LYS A 207 1.09 -28.41 -27.90
C LYS A 207 0.51 -29.83 -27.92
N GLY A 208 0.56 -30.50 -26.79
CA GLY A 208 -0.05 -31.81 -26.60
C GLY A 208 -1.33 -31.70 -25.82
N ALA A 209 -1.97 -32.85 -25.51
CA ALA A 209 -3.21 -32.84 -24.75
C ALA A 209 -3.00 -32.43 -23.30
N ASP A 210 -1.84 -32.73 -22.74
CA ASP A 210 -1.53 -32.42 -21.34
C ASP A 210 -0.05 -32.11 -21.12
N PHE A 211 0.63 -31.60 -22.15
CA PHE A 211 2.02 -31.19 -22.10
C PHE A 211 2.28 -30.15 -23.19
N LEU A 212 3.35 -29.39 -23.04
CA LEU A 212 3.76 -28.41 -24.03
C LEU A 212 5.23 -28.61 -24.31
N VAL A 213 5.67 -28.34 -25.54
CA VAL A 213 7.09 -28.36 -25.86
C VAL A 213 7.45 -26.91 -26.20
N THR A 214 8.37 -26.32 -25.46
CA THR A 214 8.72 -24.92 -25.65
C THR A 214 10.16 -24.74 -26.07
N GLU A 215 10.50 -23.54 -26.55
CA GLU A 215 11.85 -23.15 -26.86
C GLU A 215 12.20 -22.00 -25.93
N VAL A 216 13.38 -22.05 -25.31
CA VAL A 216 13.83 -20.98 -24.42
C VAL A 216 14.18 -19.75 -25.27
N GLU A 217 13.55 -18.61 -25.00
CA GLU A 217 13.87 -17.37 -25.70
C GLU A 217 14.89 -16.60 -24.84
N ASN A 218 14.50 -16.21 -23.62
CA ASN A 218 15.43 -15.56 -22.69
C ASN A 218 15.78 -16.62 -21.65
N GLY A 219 17.04 -17.02 -21.65
CA GLY A 219 17.51 -18.04 -20.71
C GLY A 219 17.94 -17.49 -19.38
N GLY A 220 18.54 -18.35 -18.58
CA GLY A 220 19.03 -18.01 -17.25
C GLY A 220 18.96 -19.19 -16.31
N SER A 221 19.16 -18.94 -15.01
CA SER A 221 19.10 -20.03 -14.04
C SER A 221 17.70 -20.18 -13.44
N LEU A 222 17.17 -21.41 -13.53
CA LEU A 222 15.83 -21.76 -13.06
C LEU A 222 15.93 -22.41 -11.68
N GLY A 223 15.19 -21.87 -10.72
CA GLY A 223 15.15 -22.43 -9.38
C GLY A 223 13.84 -23.15 -9.13
N SER A 224 13.52 -23.43 -7.85
CA SER A 224 12.30 -24.15 -7.52
C SER A 224 11.13 -23.21 -7.16
N LYS A 225 9.91 -23.69 -7.39
CA LYS A 225 8.68 -23.00 -7.05
C LYS A 225 8.64 -21.55 -7.53
N LYS A 226 8.93 -21.33 -8.81
CA LYS A 226 8.93 -19.98 -9.36
C LYS A 226 7.58 -19.63 -9.94
N GLY A 227 7.27 -18.34 -9.95
CA GLY A 227 6.01 -17.85 -10.49
C GLY A 227 6.00 -17.89 -12.01
N VAL A 228 4.85 -18.26 -12.58
CA VAL A 228 4.66 -18.36 -14.01
C VAL A 228 3.55 -17.42 -14.45
N ASN A 229 3.76 -16.70 -15.54
CA ASN A 229 2.75 -15.80 -16.08
C ASN A 229 2.48 -16.18 -17.53
N LEU A 230 1.21 -16.13 -17.93
CA LEU A 230 0.75 -16.45 -19.28
C LEU A 230 0.06 -15.20 -19.86
N PRO A 231 0.83 -14.19 -20.33
CA PRO A 231 0.20 -12.98 -20.85
C PRO A 231 -0.67 -13.26 -22.07
N GLY A 232 -1.84 -12.64 -22.13
CA GLY A 232 -2.77 -12.84 -23.24
C GLY A 232 -3.61 -14.10 -23.13
N ALA A 233 -3.35 -14.96 -22.12
CA ALA A 233 -4.14 -16.17 -21.93
C ALA A 233 -5.26 -15.93 -20.92
N ALA A 234 -6.43 -16.51 -21.18
CA ALA A 234 -7.56 -16.38 -20.27
C ALA A 234 -7.50 -17.48 -19.20
N VAL A 235 -6.57 -17.33 -18.23
CA VAL A 235 -6.37 -18.25 -17.12
C VAL A 235 -7.68 -18.36 -16.32
N ASP A 236 -8.19 -19.59 -16.14
CA ASP A 236 -9.47 -19.79 -15.50
C ASP A 236 -9.40 -20.24 -14.04
N LEU A 237 -8.30 -19.95 -13.35
CA LEU A 237 -8.20 -20.29 -11.92
C LEU A 237 -9.21 -19.42 -11.15
N PRO A 238 -9.74 -19.91 -10.02
CA PRO A 238 -10.69 -19.09 -9.26
C PRO A 238 -9.98 -17.90 -8.61
N ALA A 239 -10.70 -16.78 -8.48
CA ALA A 239 -10.14 -15.61 -7.80
C ALA A 239 -9.86 -15.93 -6.33
N VAL A 240 -10.75 -16.72 -5.71
CA VAL A 240 -10.62 -17.12 -4.33
C VAL A 240 -10.62 -18.63 -4.29
N SER A 241 -9.46 -19.22 -4.07
CA SER A 241 -9.31 -20.67 -4.03
C SER A 241 -9.66 -21.22 -2.63
N GLU A 242 -9.62 -22.56 -2.46
CA GLU A 242 -9.83 -23.16 -1.14
C GLU A 242 -8.74 -22.70 -0.16
N LYS A 243 -7.50 -22.52 -0.65
CA LYS A 243 -6.43 -22.02 0.20
C LYS A 243 -6.71 -20.56 0.59
N ASP A 244 -7.14 -19.72 -0.37
CA ASP A 244 -7.43 -18.31 -0.07
C ASP A 244 -8.55 -18.20 0.97
N ILE A 245 -9.56 -19.08 0.90
CA ILE A 245 -10.64 -19.10 1.90
C ILE A 245 -10.09 -19.39 3.30
N GLN A 246 -9.23 -20.41 3.45
CA GLN A 246 -8.61 -20.71 4.75
CA GLN A 246 -8.65 -20.71 4.76
C GLN A 246 -7.79 -19.54 5.26
N ASP A 247 -7.05 -18.90 4.35
CA ASP A 247 -6.20 -17.77 4.70
C ASP A 247 -7.04 -16.53 5.11
N LEU A 248 -8.14 -16.21 4.40
CA LEU A 248 -9.01 -15.07 4.74
C LEU A 248 -9.68 -15.33 6.09
N LYS A 249 -10.14 -16.57 6.32
CA LYS A 249 -10.77 -16.91 7.60
C LYS A 249 -9.76 -16.82 8.74
N PHE A 250 -8.51 -17.24 8.50
CA PHE A 250 -7.42 -17.13 9.45
C PHE A 250 -7.18 -15.63 9.76
N GLY A 251 -7.25 -14.76 8.75
CA GLY A 251 -7.09 -13.32 8.93
C GLY A 251 -8.11 -12.74 9.89
N VAL A 252 -9.37 -13.15 9.76
CA VAL A 252 -10.46 -12.71 10.64
C VAL A 252 -10.15 -13.15 12.09
N GLU A 253 -9.75 -14.44 12.27
CA GLU A 253 -9.38 -14.97 13.59
C GLU A 253 -8.20 -14.23 14.20
N GLN A 254 -7.25 -13.80 13.35
CA GLN A 254 -6.09 -13.08 13.83
C GLN A 254 -6.31 -11.56 13.96
N ASP A 255 -7.52 -11.05 13.67
CA ASP A 255 -7.87 -9.64 13.81
C ASP A 255 -7.01 -8.74 12.88
N VAL A 256 -6.79 -9.16 11.64
CA VAL A 256 -6.02 -8.31 10.70
C VAL A 256 -6.83 -7.05 10.35
N ASP A 257 -6.13 -5.99 9.94
CA ASP A 257 -6.79 -4.74 9.59
C ASP A 257 -7.27 -4.65 8.16
N MET A 258 -6.59 -5.34 7.26
CA MET A 258 -6.90 -5.24 5.84
C MET A 258 -6.39 -6.47 5.10
N VAL A 259 -6.97 -6.71 3.94
CA VAL A 259 -6.60 -7.80 3.06
C VAL A 259 -6.17 -7.17 1.74
N PHE A 260 -5.06 -7.63 1.18
CA PHE A 260 -4.62 -7.22 -0.16
C PHE A 260 -4.95 -8.43 -1.03
N ALA A 261 -6.04 -8.38 -1.80
CA ALA A 261 -6.51 -9.52 -2.59
C ALA A 261 -5.83 -9.60 -3.94
N SER A 262 -5.06 -10.67 -4.16
CA SER A 262 -4.31 -10.82 -5.40
C SER A 262 -5.16 -11.12 -6.63
N PHE A 263 -4.72 -10.61 -7.77
CA PHE A 263 -5.27 -10.83 -9.10
C PHE A 263 -6.78 -10.59 -9.24
N ILE A 264 -7.30 -9.50 -8.65
CA ILE A 264 -8.70 -9.15 -8.79
C ILE A 264 -8.95 -8.75 -10.26
N ARG A 265 -9.93 -9.39 -10.93
CA ARG A 265 -10.23 -9.13 -12.35
C ARG A 265 -11.58 -8.47 -12.59
N LYS A 266 -12.49 -8.53 -11.60
CA LYS A 266 -13.84 -8.02 -11.75
C LYS A 266 -14.51 -7.80 -10.40
N ALA A 267 -15.63 -7.08 -10.39
CA ALA A 267 -16.34 -6.77 -9.14
C ALA A 267 -16.80 -8.02 -8.39
N SER A 268 -17.21 -9.09 -9.11
CA SER A 268 -17.66 -10.30 -8.42
C SER A 268 -16.54 -10.97 -7.63
N ASP A 269 -15.26 -10.77 -8.04
CA ASP A 269 -14.13 -11.32 -7.28
C ASP A 269 -14.06 -10.60 -5.93
N VAL A 270 -14.24 -9.26 -5.92
CA VAL A 270 -14.23 -8.50 -4.68
C VAL A 270 -15.39 -8.96 -3.77
N HIS A 271 -16.58 -9.16 -4.36
CA HIS A 271 -17.76 -9.60 -3.60
C HIS A 271 -17.52 -10.97 -2.96
N GLU A 272 -16.78 -11.85 -3.63
CA GLU A 272 -16.45 -13.16 -3.08
C GLU A 272 -15.54 -13.02 -1.84
N VAL A 273 -14.51 -12.15 -1.91
CA VAL A 273 -13.66 -11.88 -0.75
C VAL A 273 -14.50 -11.31 0.41
N ARG A 274 -15.38 -10.34 0.11
CA ARG A 274 -16.25 -9.71 1.10
C ARG A 274 -17.15 -10.79 1.78
N LYS A 275 -17.70 -11.72 1.00
CA LYS A 275 -18.54 -12.83 1.52
C LYS A 275 -17.73 -13.75 2.43
N VAL A 276 -16.48 -14.05 2.07
CA VAL A 276 -15.61 -14.92 2.88
C VAL A 276 -15.28 -14.29 4.23
N LEU A 277 -14.92 -12.98 4.23
CA LEU A 277 -14.68 -12.24 5.47
C LEU A 277 -15.97 -12.21 6.32
N GLY A 278 -17.12 -12.10 5.65
CA GLY A 278 -18.45 -12.13 6.26
C GLY A 278 -18.75 -11.06 7.30
N GLU A 279 -19.69 -11.37 8.20
CA GLU A 279 -20.10 -10.47 9.26
C GLU A 279 -18.98 -10.23 10.25
N LYS A 280 -18.28 -11.29 10.69
CA LYS A 280 -17.18 -11.13 11.63
C LYS A 280 -16.05 -10.25 11.06
N GLY A 281 -15.84 -10.31 9.76
CA GLY A 281 -14.77 -9.51 9.12
C GLY A 281 -15.28 -8.30 8.37
N LYS A 282 -16.51 -7.84 8.67
CA LYS A 282 -17.12 -6.71 7.95
C LYS A 282 -16.34 -5.40 8.02
N ASN A 283 -15.56 -5.19 9.08
CA ASN A 283 -14.78 -3.95 9.19
C ASN A 283 -13.38 -4.02 8.62
N ILE A 284 -12.96 -5.21 8.12
CA ILE A 284 -11.62 -5.39 7.54
C ILE A 284 -11.64 -4.77 6.16
N LYS A 285 -10.65 -3.93 5.83
CA LYS A 285 -10.64 -3.25 4.53
C LYS A 285 -10.19 -4.18 3.42
N ILE A 286 -10.85 -4.16 2.26
CA ILE A 286 -10.41 -4.97 1.12
C ILE A 286 -9.70 -4.09 0.09
N ILE A 287 -8.40 -4.33 -0.11
CA ILE A 287 -7.62 -3.62 -1.11
C ILE A 287 -7.46 -4.56 -2.30
N SER A 288 -8.01 -4.19 -3.46
CA SER A 288 -7.88 -5.07 -4.62
C SER A 288 -6.56 -4.84 -5.33
N LYS A 289 -5.80 -5.94 -5.56
CA LYS A 289 -4.54 -5.84 -6.30
C LYS A 289 -4.79 -5.95 -7.79
N ILE A 290 -4.38 -4.94 -8.57
CA ILE A 290 -4.57 -4.94 -10.02
C ILE A 290 -3.25 -5.40 -10.64
N GLU A 291 -3.25 -6.59 -11.24
CA GLU A 291 -2.02 -7.15 -11.78
C GLU A 291 -2.18 -7.91 -13.08
N ASN A 292 -3.24 -7.67 -13.80
CA ASN A 292 -3.45 -8.26 -15.11
C ASN A 292 -4.26 -7.31 -15.99
N HIS A 293 -4.33 -7.59 -17.29
CA HIS A 293 -5.03 -6.72 -18.22
C HIS A 293 -6.51 -6.59 -17.89
N GLU A 294 -7.15 -7.69 -17.47
CA GLU A 294 -8.58 -7.63 -17.17
C GLU A 294 -8.89 -6.70 -15.98
N GLY A 295 -8.01 -6.71 -14.99
CA GLY A 295 -8.13 -5.84 -13.82
C GLY A 295 -8.06 -4.39 -14.20
N VAL A 296 -7.20 -4.05 -15.16
CA VAL A 296 -7.11 -2.67 -15.66
C VAL A 296 -8.38 -2.34 -16.47
N ARG A 297 -8.81 -3.24 -17.37
CA ARG A 297 -10.01 -2.98 -18.19
C ARG A 297 -11.28 -2.80 -17.36
N ARG A 298 -11.44 -3.61 -16.31
CA ARG A 298 -12.63 -3.53 -15.44
C ARG A 298 -12.34 -2.79 -14.14
N PHE A 299 -11.37 -1.87 -14.16
CA PHE A 299 -10.98 -1.12 -12.99
C PHE A 299 -12.12 -0.39 -12.30
N ASP A 300 -12.98 0.32 -13.05
CA ASP A 300 -14.04 1.12 -12.45
C ASP A 300 -14.97 0.31 -11.57
N GLU A 301 -15.36 -0.89 -12.03
CA GLU A 301 -16.26 -1.72 -11.20
C GLU A 301 -15.53 -2.32 -10.01
N ILE A 302 -14.23 -2.61 -10.15
CA ILE A 302 -13.40 -3.12 -9.04
C ILE A 302 -13.26 -2.06 -7.96
N LEU A 303 -12.94 -0.82 -8.37
CA LEU A 303 -12.81 0.32 -7.44
C LEU A 303 -14.10 0.55 -6.67
N GLU A 304 -15.25 0.50 -7.35
CA GLU A 304 -16.54 0.74 -6.70
C GLU A 304 -16.79 -0.27 -5.58
N ALA A 305 -16.46 -1.52 -5.82
CA ALA A 305 -16.69 -2.59 -4.86
C ALA A 305 -15.63 -2.72 -3.75
N SER A 306 -14.43 -2.14 -3.96
CA SER A 306 -13.31 -2.27 -3.02
C SER A 306 -13.20 -1.11 -2.05
N ASP A 307 -12.45 -1.29 -0.96
CA ASP A 307 -12.11 -0.20 -0.05
C ASP A 307 -10.88 0.59 -0.55
N GLY A 308 -10.10 -0.01 -1.45
CA GLY A 308 -8.90 0.61 -1.96
C GLY A 308 -8.26 -0.27 -3.02
N ILE A 309 -7.15 0.22 -3.58
CA ILE A 309 -6.48 -0.45 -4.69
C ILE A 309 -4.98 -0.55 -4.46
N MET A 310 -4.37 -1.64 -4.94
CA MET A 310 -2.93 -1.74 -4.98
C MET A 310 -2.51 -1.89 -6.47
N VAL A 311 -1.59 -1.01 -6.92
CA VAL A 311 -1.02 -1.10 -8.27
C VAL A 311 0.12 -2.12 -8.07
N ALA A 312 -0.18 -3.41 -8.32
CA ALA A 312 0.74 -4.53 -8.06
C ALA A 312 1.62 -4.69 -9.29
N ARG A 313 2.65 -3.85 -9.37
CA ARG A 313 3.44 -3.69 -10.60
C ARG A 313 4.25 -4.89 -11.05
N GLY A 314 4.63 -5.78 -10.12
CA GLY A 314 5.43 -6.95 -10.49
C GLY A 314 4.75 -7.83 -11.52
N ASP A 315 3.60 -8.39 -11.15
CA ASP A 315 2.84 -9.23 -12.08
C ASP A 315 2.29 -8.37 -13.20
N LEU A 316 1.84 -7.14 -12.89
CA LEU A 316 1.26 -6.27 -13.92
C LEU A 316 2.20 -6.04 -15.10
N GLY A 317 3.48 -5.83 -14.79
CA GLY A 317 4.53 -5.57 -15.78
C GLY A 317 5.02 -6.78 -16.56
N ILE A 318 4.45 -7.94 -16.26
CA ILE A 318 4.70 -9.18 -17.02
C ILE A 318 3.43 -9.49 -17.83
N GLU A 319 2.23 -9.25 -17.25
CA GLU A 319 0.94 -9.47 -17.89
C GLU A 319 0.70 -8.48 -19.02
N ILE A 320 1.15 -7.23 -18.85
CA ILE A 320 1.05 -6.22 -19.90
C ILE A 320 2.50 -5.75 -20.24
N PRO A 321 2.74 -5.14 -21.42
CA PRO A 321 4.11 -4.70 -21.76
C PRO A 321 4.70 -3.80 -20.68
N ALA A 322 5.95 -4.04 -20.28
CA ALA A 322 6.57 -3.28 -19.18
C ALA A 322 6.54 -1.77 -19.43
N GLU A 323 6.65 -1.34 -20.70
CA GLU A 323 6.60 0.08 -21.07
C GLU A 323 5.24 0.76 -20.86
N LYS A 324 4.18 -0.01 -20.59
CA LYS A 324 2.85 0.56 -20.35
C LYS A 324 2.48 0.64 -18.88
N VAL A 325 3.29 0.07 -17.97
CA VAL A 325 2.93 0.04 -16.54
C VAL A 325 2.74 1.44 -15.97
N PHE A 326 3.59 2.41 -16.35
CA PHE A 326 3.42 3.78 -15.81
C PHE A 326 2.04 4.37 -16.17
N LEU A 327 1.48 4.02 -17.34
CA LEU A 327 0.17 4.50 -17.75
C LEU A 327 -0.89 3.93 -16.81
N ALA A 328 -0.84 2.62 -16.54
CA ALA A 328 -1.79 1.94 -15.65
C ALA A 328 -1.65 2.49 -14.23
N GLN A 329 -0.42 2.75 -13.79
CA GLN A 329 -0.19 3.30 -12.44
C GLN A 329 -0.82 4.70 -12.32
N LYS A 330 -0.54 5.58 -13.30
CA LYS A 330 -1.06 6.95 -13.23
C LYS A 330 -2.57 6.98 -13.37
N MET A 331 -3.13 6.13 -14.24
CA MET A 331 -4.58 6.03 -14.39
C MET A 331 -5.23 5.60 -13.05
N MET A 332 -4.71 4.54 -12.42
CA MET A 332 -5.30 4.04 -11.18
C MET A 332 -5.15 5.00 -10.03
N ILE A 333 -3.97 5.64 -9.88
CA ILE A 333 -3.80 6.62 -8.79
C ILE A 333 -4.73 7.81 -9.04
N GLY A 334 -4.85 8.24 -10.29
CA GLY A 334 -5.78 9.33 -10.64
C GLY A 334 -7.22 8.99 -10.28
N ARG A 335 -7.70 7.83 -10.72
CA ARG A 335 -9.09 7.43 -10.44
C ARG A 335 -9.35 7.21 -8.95
N CYS A 336 -8.36 6.67 -8.19
CA CYS A 336 -8.53 6.53 -6.74
C CYS A 336 -8.58 7.87 -6.04
N ASN A 337 -7.71 8.82 -6.44
CA ASN A 337 -7.75 10.17 -5.84
C ASN A 337 -9.10 10.83 -6.15
N ARG A 338 -9.61 10.64 -7.38
CA ARG A 338 -10.90 11.22 -7.81
C ARG A 338 -12.05 10.60 -6.98
N ALA A 339 -11.97 9.32 -6.66
CA ALA A 339 -12.99 8.61 -5.87
C ALA A 339 -12.82 8.73 -4.35
N GLY A 340 -11.68 9.21 -3.89
CA GLY A 340 -11.37 9.32 -2.48
C GLY A 340 -11.12 7.97 -1.83
N LYS A 341 -10.54 7.03 -2.56
CA LYS A 341 -10.22 5.71 -2.01
C LYS A 341 -8.72 5.52 -1.99
N PRO A 342 -8.19 4.86 -0.96
CA PRO A 342 -6.75 4.66 -0.87
C PRO A 342 -6.14 3.87 -2.02
N VAL A 343 -4.94 4.28 -2.45
CA VAL A 343 -4.22 3.57 -3.49
C VAL A 343 -2.77 3.34 -3.02
N ILE A 344 -2.27 2.14 -3.25
CA ILE A 344 -0.92 1.78 -2.85
C ILE A 344 -0.09 1.55 -4.12
N CYS A 345 1.15 2.05 -4.15
CA CYS A 345 2.07 1.74 -5.25
C CYS A 345 3.01 0.69 -4.71
N ALA A 346 3.18 -0.41 -5.45
CA ALA A 346 3.99 -1.51 -4.95
C ALA A 346 4.94 -2.09 -5.95
N THR A 347 5.99 -2.76 -5.44
CA THR A 347 6.91 -3.70 -6.09
C THR A 347 8.05 -3.08 -6.84
N GLN A 348 9.26 -3.49 -6.41
CA GLN A 348 10.56 -3.11 -6.94
C GLN A 348 10.86 -1.63 -6.82
N MET A 349 10.25 -0.93 -5.84
CA MET A 349 10.48 0.50 -5.68
C MET A 349 11.92 0.80 -5.32
N LEU A 350 12.53 -0.03 -4.47
CA LEU A 350 13.92 0.15 -4.05
C LEU A 350 14.65 -1.20 -4.18
N GLU A 351 14.34 -2.00 -5.22
CA GLU A 351 14.83 -3.37 -5.45
C GLU A 351 16.33 -3.61 -5.22
N SER A 352 17.18 -2.73 -5.70
CA SER A 352 18.63 -2.88 -5.54
C SER A 352 19.09 -2.88 -4.09
N MET A 353 18.26 -2.34 -3.17
CA MET A 353 18.59 -2.32 -1.73
C MET A 353 18.45 -3.69 -1.05
N ILE A 354 18.02 -4.72 -1.79
CA ILE A 354 18.04 -6.09 -1.28
C ILE A 354 19.53 -6.49 -1.04
N LYS A 355 20.45 -6.02 -1.91
CA LYS A 355 21.87 -6.32 -1.76
C LYS A 355 22.75 -5.10 -1.46
N LYS A 356 22.25 -3.85 -1.71
CA LYS A 356 23.05 -2.63 -1.52
C LYS A 356 22.50 -1.65 -0.48
N PRO A 357 23.38 -0.90 0.22
CA PRO A 357 22.92 0.01 1.27
C PRO A 357 22.33 1.33 0.78
N ARG A 358 22.44 1.62 -0.54
CA ARG A 358 21.88 2.83 -1.16
C ARG A 358 21.13 2.42 -2.42
N PRO A 359 20.06 3.13 -2.76
CA PRO A 359 19.29 2.76 -3.96
C PRO A 359 19.88 3.35 -5.25
N THR A 360 19.38 2.89 -6.44
CA THR A 360 19.81 3.48 -7.70
C THR A 360 19.07 4.84 -7.89
N ARG A 361 19.50 5.64 -8.89
CA ARG A 361 18.82 6.90 -9.18
C ARG A 361 17.39 6.66 -9.70
N ALA A 362 17.19 5.56 -10.43
CA ALA A 362 15.84 5.25 -10.92
C ALA A 362 14.91 4.93 -9.75
N GLU A 363 15.43 4.27 -8.71
CA GLU A 363 14.64 3.90 -7.54
C GLU A 363 14.25 5.13 -6.73
N GLY A 364 15.17 6.08 -6.58
CA GLY A 364 14.87 7.33 -5.88
C GLY A 364 13.79 8.10 -6.63
N SER A 365 13.92 8.15 -7.96
CA SER A 365 12.93 8.80 -8.79
C SER A 365 11.57 8.09 -8.71
N ASP A 366 11.56 6.77 -8.72
CA ASP A 366 10.29 6.00 -8.68
C ASP A 366 9.47 6.29 -7.44
N VAL A 367 10.13 6.32 -6.28
CA VAL A 367 9.42 6.58 -5.02
C VAL A 367 8.87 8.01 -5.03
N ALA A 368 9.70 8.97 -5.48
CA ALA A 368 9.23 10.36 -5.51
C ALA A 368 8.05 10.54 -6.45
N ASN A 369 8.12 9.97 -7.66
CA ASN A 369 7.06 10.12 -8.63
C ASN A 369 5.78 9.40 -8.21
N ALA A 370 5.88 8.31 -7.44
CA ALA A 370 4.66 7.64 -6.95
C ALA A 370 3.91 8.57 -5.99
N VAL A 371 4.66 9.29 -5.15
CA VAL A 371 4.08 10.26 -4.22
C VAL A 371 3.53 11.47 -4.98
N LEU A 372 4.29 12.02 -5.96
CA LEU A 372 3.77 13.13 -6.77
C LEU A 372 2.52 12.71 -7.56
N ASP A 373 2.45 11.46 -8.00
CA ASP A 373 1.26 10.94 -8.74
C ASP A 373 0.01 11.00 -7.86
N GLY A 374 0.18 10.73 -6.56
CA GLY A 374 -0.89 10.75 -5.58
C GLY A 374 -1.07 9.49 -4.77
N ALA A 375 -0.07 8.60 -4.76
CA ALA A 375 -0.19 7.34 -3.99
C ALA A 375 -0.37 7.61 -2.51
N ASP A 376 -1.35 6.96 -1.88
CA ASP A 376 -1.54 7.12 -0.43
C ASP A 376 -0.42 6.42 0.33
N CYS A 377 -0.02 5.25 -0.15
CA CYS A 377 1.01 4.40 0.48
C CYS A 377 1.99 3.92 -0.55
N ILE A 378 3.20 3.62 -0.09
CA ILE A 378 4.23 2.99 -0.90
C ILE A 378 4.65 1.72 -0.16
N MET A 379 5.19 0.75 -0.90
CA MET A 379 5.46 -0.55 -0.32
C MET A 379 6.86 -1.05 -0.60
N LEU A 380 7.35 -1.92 0.29
CA LEU A 380 8.61 -2.64 0.16
C LEU A 380 8.26 -4.11 0.24
N SER A 381 8.87 -4.92 -0.64
CA SER A 381 8.64 -6.35 -0.64
C SER A 381 9.93 -7.08 -0.22
N GLY A 382 10.74 -7.58 -1.16
CA GLY A 382 12.00 -8.24 -0.83
C GLY A 382 12.97 -7.36 -0.05
N GLU A 383 12.91 -6.03 -0.26
CA GLU A 383 13.78 -5.08 0.42
C GLU A 383 13.67 -5.21 1.95
N THR A 384 12.47 -5.52 2.46
CA THR A 384 12.31 -5.70 3.92
C THR A 384 12.14 -7.15 4.30
N ALA A 385 11.58 -7.99 3.41
CA ALA A 385 11.35 -9.39 3.75
C ALA A 385 12.62 -10.24 3.84
N LYS A 386 13.53 -10.11 2.87
CA LYS A 386 14.72 -10.97 2.85
C LYS A 386 16.04 -10.25 2.62
N GLY A 387 16.01 -8.94 2.37
CA GLY A 387 17.21 -8.18 2.07
C GLY A 387 18.21 -7.97 3.18
N ASP A 388 19.40 -7.48 2.81
CA ASP A 388 20.48 -7.21 3.75
C ASP A 388 20.38 -5.85 4.44
N TYR A 389 19.52 -4.94 3.95
CA TYR A 389 19.39 -3.59 4.48
C TYR A 389 17.92 -3.15 4.69
N PRO A 390 17.10 -3.94 5.44
CA PRO A 390 15.69 -3.56 5.62
C PRO A 390 15.49 -2.18 6.24
N LEU A 391 16.26 -1.82 7.27
CA LEU A 391 16.07 -0.55 7.95
C LEU A 391 16.41 0.62 7.05
N GLU A 392 17.48 0.48 6.27
CA GLU A 392 17.90 1.52 5.32
C GLU A 392 16.83 1.71 4.24
N ALA A 393 16.19 0.62 3.79
CA ALA A 393 15.16 0.72 2.76
C ALA A 393 13.94 1.49 3.32
N VAL A 394 13.51 1.18 4.57
CA VAL A 394 12.39 1.89 5.20
C VAL A 394 12.74 3.37 5.34
N ARG A 395 13.95 3.65 5.85
CA ARG A 395 14.40 5.04 6.04
C ARG A 395 14.43 5.80 4.74
N MET A 396 14.87 5.16 3.64
CA MET A 396 14.92 5.81 2.33
C MET A 396 13.53 6.17 1.81
N GLN A 397 12.55 5.26 1.95
CA GLN A 397 11.18 5.59 1.52
C GLN A 397 10.65 6.77 2.34
N HIS A 398 10.95 6.80 3.65
CA HIS A 398 10.54 7.92 4.52
C HIS A 398 11.15 9.24 4.01
N LEU A 399 12.46 9.24 3.76
CA LEU A 399 13.15 10.45 3.32
C LEU A 399 12.64 10.97 1.98
N ILE A 400 12.50 10.06 1.02
CA ILE A 400 12.04 10.46 -0.32
C ILE A 400 10.60 10.94 -0.26
N ALA A 401 9.72 10.19 0.40
CA ALA A 401 8.30 10.56 0.44
C ALA A 401 8.11 11.94 1.03
N ARG A 402 8.85 12.28 2.09
CA ARG A 402 8.74 13.61 2.72
C ARG A 402 9.21 14.72 1.79
N GLU A 403 10.28 14.47 1.02
CA GLU A 403 10.74 15.49 0.06
C GLU A 403 9.71 15.69 -1.03
N ALA A 404 9.14 14.57 -1.54
CA ALA A 404 8.18 14.64 -2.63
C ALA A 404 6.89 15.30 -2.20
N GLU A 405 6.44 15.07 -0.95
CA GLU A 405 5.22 15.69 -0.43
C GLU A 405 5.28 17.20 -0.47
N ALA A 406 6.46 17.77 -0.19
CA ALA A 406 6.63 19.23 -0.26
C ALA A 406 6.59 19.74 -1.72
N ALA A 407 6.98 18.89 -2.67
CA ALA A 407 7.04 19.24 -4.10
C ALA A 407 5.72 19.08 -4.85
N ILE A 408 4.65 18.61 -4.20
CA ILE A 408 3.35 18.53 -4.87
C ILE A 408 2.86 19.97 -5.19
N TYR A 409 2.24 20.16 -6.35
CA TYR A 409 1.73 21.49 -6.76
C TYR A 409 0.30 21.60 -6.20
N HIS A 410 0.19 21.84 -4.87
CA HIS A 410 -1.13 21.87 -4.20
C HIS A 410 -2.05 22.92 -4.80
N LEU A 411 -1.50 24.01 -5.33
CA LEU A 411 -2.34 25.08 -5.92
C LEU A 411 -3.32 24.55 -6.97
N GLN A 412 -2.79 23.75 -7.92
CA GLN A 412 -3.63 23.19 -8.95
C GLN A 412 -4.36 21.93 -8.48
N LEU A 413 -3.70 21.07 -7.69
CA LEU A 413 -4.33 19.84 -7.19
C LEU A 413 -5.63 20.15 -6.39
N PHE A 414 -5.55 21.06 -5.44
CA PHE A 414 -6.72 21.42 -4.62
C PHE A 414 -7.83 22.02 -5.48
N GLU A 415 -7.46 22.89 -6.42
CA GLU A 415 -8.43 23.53 -7.33
CA GLU A 415 -8.42 23.52 -7.33
C GLU A 415 -9.18 22.46 -8.12
N GLU A 416 -8.44 21.46 -8.63
CA GLU A 416 -9.06 20.37 -9.39
C GLU A 416 -9.90 19.43 -8.54
N LEU A 417 -9.44 19.10 -7.33
CA LEU A 417 -10.22 18.21 -6.45
C LEU A 417 -11.54 18.87 -6.05
N ARG A 418 -11.52 20.18 -5.83
CA ARG A 418 -12.72 20.95 -5.49
C ARG A 418 -13.73 20.97 -6.64
N ARG A 419 -13.27 21.15 -7.88
CA ARG A 419 -14.12 21.22 -9.06
C ARG A 419 -14.71 19.87 -9.38
N LEU A 420 -13.93 18.79 -9.22
CA LEU A 420 -14.44 17.44 -9.48
C LEU A 420 -15.07 16.85 -8.22
N ALA A 421 -15.70 17.69 -7.40
CA ALA A 421 -16.35 17.28 -6.17
C ALA A 421 -17.79 17.76 -6.24
N PRO A 422 -18.76 16.85 -6.02
CA PRO A 422 -20.16 17.24 -6.16
C PRO A 422 -20.68 18.14 -5.06
N ILE A 423 -21.63 19.00 -5.43
CA ILE A 423 -22.29 19.87 -4.46
C ILE A 423 -23.29 18.98 -3.77
N THR A 424 -23.18 18.84 -2.44
CA THR A 424 -24.08 17.97 -1.71
C THR A 424 -24.58 18.62 -0.44
N SER A 425 -25.67 18.10 0.13
CA SER A 425 -26.17 18.61 1.39
C SER A 425 -25.48 17.94 2.60
N ASP A 426 -24.33 17.24 2.39
CA ASP A 426 -23.63 16.58 3.49
C ASP A 426 -22.81 17.60 4.26
N PRO A 427 -23.23 17.92 5.50
CA PRO A 427 -22.50 18.92 6.27
C PRO A 427 -21.08 18.50 6.64
N THR A 428 -20.84 17.19 6.77
CA THR A 428 -19.50 16.72 7.13
C THR A 428 -18.49 17.01 5.98
N GLU A 429 -18.93 16.87 4.73
CA GLU A 429 -18.04 17.12 3.58
C GLU A 429 -17.76 18.63 3.46
N ALA A 430 -18.78 19.47 3.71
CA ALA A 430 -18.58 20.93 3.64
C ALA A 430 -17.60 21.36 4.74
N THR A 431 -17.69 20.73 5.95
CA THR A 431 -16.78 21.08 7.04
C THR A 431 -15.36 20.65 6.66
N ALA A 432 -15.20 19.44 6.09
CA ALA A 432 -13.88 18.95 5.69
C ALA A 432 -13.19 19.84 4.66
N VAL A 433 -13.90 20.23 3.60
CA VAL A 433 -13.30 21.08 2.58
C VAL A 433 -13.03 22.50 3.13
N GLY A 434 -13.88 22.99 4.03
CA GLY A 434 -13.68 24.27 4.70
C GLY A 434 -12.40 24.23 5.53
N ALA A 435 -12.17 23.12 6.24
CA ALA A 435 -10.96 22.94 7.05
C ALA A 435 -9.71 22.92 6.18
N VAL A 436 -9.76 22.22 5.02
CA VAL A 436 -8.60 22.15 4.14
C VAL A 436 -8.30 23.51 3.54
N GLU A 437 -9.34 24.23 3.10
CA GLU A 437 -9.16 25.61 2.61
C GLU A 437 -8.52 26.51 3.69
N ALA A 438 -9.03 26.43 4.92
CA ALA A 438 -8.50 27.22 6.03
C ALA A 438 -7.04 26.83 6.34
N SER A 439 -6.70 25.52 6.25
CA SER A 439 -5.32 25.08 6.49
C SER A 439 -4.34 25.70 5.49
N PHE A 440 -4.76 25.89 4.22
CA PHE A 440 -3.89 26.49 3.22
C PHE A 440 -3.70 27.99 3.50
N LYS A 441 -4.80 28.67 3.88
CA LYS A 441 -4.79 30.11 4.16
C LYS A 441 -3.83 30.51 5.29
N CYS A 442 -3.76 29.70 6.35
CA CYS A 442 -2.89 30.03 7.47
C CYS A 442 -1.67 29.14 7.56
N CYS A 443 -1.37 28.29 6.53
CA CYS A 443 -0.24 27.34 6.52
CA CYS A 443 -0.22 27.38 6.54
C CYS A 443 -0.13 26.63 7.88
N SER A 444 -1.27 26.05 8.32
CA SER A 444 -1.36 25.42 9.61
C SER A 444 -0.35 24.30 9.86
N GLY A 445 0.00 24.15 11.11
CA GLY A 445 0.90 23.09 11.54
C GLY A 445 0.23 21.73 11.46
N ALA A 446 -1.12 21.67 11.50
CA ALA A 446 -1.87 20.42 11.43
C ALA A 446 -3.38 20.68 11.29
N ILE A 447 -4.13 19.65 10.91
CA ILE A 447 -5.59 19.64 11.00
C ILE A 447 -5.85 18.52 12.00
N ILE A 448 -6.35 18.85 13.20
CA ILE A 448 -6.66 17.87 14.22
C ILE A 448 -8.10 17.44 14.00
N VAL A 449 -8.37 16.13 13.92
CA VAL A 449 -9.72 15.64 13.68
CA VAL A 449 -9.72 15.67 13.69
C VAL A 449 -10.08 14.58 14.71
N LEU A 450 -11.22 14.75 15.39
CA LEU A 450 -11.65 13.71 16.32
C LEU A 450 -12.50 12.74 15.50
N THR A 451 -12.19 11.44 15.57
CA THR A 451 -12.90 10.46 14.76
C THR A 451 -13.12 9.14 15.46
N LYS A 452 -14.29 8.54 15.26
CA LYS A 452 -14.60 7.24 15.86
C LYS A 452 -14.32 6.14 14.85
N SER A 453 -14.94 6.23 13.66
CA SER A 453 -14.80 5.22 12.61
C SER A 453 -13.64 5.50 11.62
N GLY A 454 -13.14 6.73 11.64
CA GLY A 454 -12.11 7.19 10.73
C GLY A 454 -12.65 8.04 9.61
N ARG A 455 -13.96 7.98 9.35
CA ARG A 455 -14.56 8.68 8.21
C ARG A 455 -14.26 10.17 8.18
N SER A 456 -14.42 10.91 9.29
CA SER A 456 -14.19 12.36 9.25
C SER A 456 -12.73 12.70 8.86
N ALA A 457 -11.78 11.85 9.29
CA ALA A 457 -10.37 12.06 8.91
C ALA A 457 -10.15 11.71 7.43
N HIS A 458 -10.82 10.64 6.94
CA HIS A 458 -10.70 10.26 5.52
C HIS A 458 -11.26 11.39 4.65
N GLN A 459 -12.33 12.04 5.07
CA GLN A 459 -12.93 13.15 4.32
C GLN A 459 -11.98 14.31 4.12
N VAL A 460 -11.14 14.61 5.12
CA VAL A 460 -10.12 15.65 5.03
C VAL A 460 -8.99 15.19 4.11
N ALA A 461 -8.49 13.97 4.28
CA ALA A 461 -7.37 13.45 3.48
C ALA A 461 -7.66 13.44 1.98
N ARG A 462 -8.93 13.24 1.61
CA ARG A 462 -9.37 13.21 0.22
C ARG A 462 -9.10 14.53 -0.51
N TYR A 463 -8.99 15.66 0.24
CA TYR A 463 -8.66 16.96 -0.35
C TYR A 463 -7.18 17.29 -0.39
N ARG A 464 -6.34 16.35 0.02
CA ARG A 464 -4.90 16.45 -0.05
CA ARG A 464 -4.89 16.42 0.01
C ARG A 464 -4.29 17.74 0.55
N PRO A 465 -4.55 18.04 1.84
CA PRO A 465 -3.91 19.21 2.42
C PRO A 465 -2.41 18.99 2.54
N ARG A 466 -1.68 20.06 2.62
CA ARG A 466 -0.25 20.03 2.87
CA ARG A 466 -0.25 20.01 2.86
C ARG A 466 -0.03 19.70 4.35
N ALA A 467 -0.88 20.25 5.24
CA ALA A 467 -0.76 20.00 6.68
C ALA A 467 -1.05 18.54 7.06
N PRO A 468 -0.27 18.00 8.02
CA PRO A 468 -0.55 16.65 8.53
C PRO A 468 -1.90 16.65 9.26
N ILE A 469 -2.58 15.53 9.18
CA ILE A 469 -3.89 15.36 9.80
C ILE A 469 -3.70 14.51 11.04
N ILE A 470 -3.89 15.08 12.23
CA ILE A 470 -3.78 14.29 13.46
C ILE A 470 -5.16 13.75 13.79
N ALA A 471 -5.39 12.45 13.57
CA ALA A 471 -6.71 11.86 13.83
C ALA A 471 -6.71 11.23 15.21
N VAL A 472 -7.46 11.81 16.14
CA VAL A 472 -7.57 11.29 17.51
C VAL A 472 -8.75 10.35 17.59
N THR A 473 -8.50 9.12 18.04
CA THR A 473 -9.56 8.13 18.18
C THR A 473 -9.33 7.30 19.43
N ARG A 474 -10.40 6.74 19.98
CA ARG A 474 -10.25 5.77 21.07
C ARG A 474 -10.38 4.32 20.50
N ASN A 475 -10.62 4.16 19.17
CA ASN A 475 -10.82 2.85 18.53
C ASN A 475 -9.48 2.38 17.95
N PRO A 476 -8.91 1.29 18.50
CA PRO A 476 -7.60 0.83 18.02
C PRO A 476 -7.58 0.41 16.56
N GLN A 477 -8.66 -0.19 16.06
CA GLN A 477 -8.70 -0.60 14.67
C GLN A 477 -8.75 0.61 13.74
N THR A 478 -9.52 1.64 14.13
CA THR A 478 -9.58 2.88 13.37
C THR A 478 -8.18 3.50 13.28
N ALA A 479 -7.41 3.46 14.38
CA ALA A 479 -6.08 4.01 14.39
C ALA A 479 -5.15 3.26 13.45
N ARG A 480 -5.24 1.92 13.42
CA ARG A 480 -4.40 1.14 12.51
C ARG A 480 -4.80 1.35 11.04
N GLN A 481 -6.09 1.35 10.74
CA GLN A 481 -6.57 1.47 9.36
C GLN A 481 -6.35 2.84 8.74
N ALA A 482 -6.19 3.88 9.57
CA ALA A 482 -5.96 5.25 9.11
C ALA A 482 -4.72 5.39 8.25
N HIS A 483 -3.72 4.49 8.43
CA HIS A 483 -2.50 4.54 7.62
C HIS A 483 -2.71 4.34 6.12
N LEU A 484 -3.88 3.86 5.72
CA LEU A 484 -4.17 3.72 4.29
C LEU A 484 -4.34 5.07 3.59
N TYR A 485 -4.56 6.17 4.33
CA TYR A 485 -4.81 7.46 3.70
C TYR A 485 -3.68 8.41 3.85
N ARG A 486 -3.27 9.04 2.76
CA ARG A 486 -2.20 10.05 2.79
C ARG A 486 -2.48 11.14 3.84
N GLY A 487 -1.50 11.39 4.68
CA GLY A 487 -1.51 12.50 5.62
C GLY A 487 -2.13 12.25 6.97
N ILE A 488 -2.76 11.08 7.17
CA ILE A 488 -3.37 10.82 8.47
C ILE A 488 -2.36 10.22 9.44
N PHE A 489 -2.17 10.90 10.58
CA PHE A 489 -1.31 10.48 11.68
C PHE A 489 -2.26 10.07 12.78
N PRO A 490 -2.57 8.77 12.87
CA PRO A 490 -3.54 8.33 13.88
C PRO A 490 -2.90 8.27 15.27
N VAL A 491 -3.64 8.75 16.25
CA VAL A 491 -3.17 8.74 17.64
C VAL A 491 -4.27 8.11 18.50
N LEU A 492 -3.88 7.18 19.36
CA LEU A 492 -4.84 6.41 20.13
C LEU A 492 -4.93 6.95 21.55
N CYS A 493 -6.04 7.62 21.82
CA CYS A 493 -6.31 8.24 23.11
C CYS A 493 -6.65 7.16 24.12
N LYS A 494 -5.89 7.12 25.21
CA LYS A 494 -6.06 6.11 26.26
C LYS A 494 -6.68 6.68 27.55
N ASP A 495 -7.05 7.96 27.57
CA ASP A 495 -7.61 8.61 28.74
C ASP A 495 -9.03 8.18 28.97
N PRO A 496 -9.47 8.14 30.25
CA PRO A 496 -10.88 7.82 30.50
C PRO A 496 -11.79 8.89 29.89
N VAL A 497 -13.01 8.51 29.57
CA VAL A 497 -13.97 9.43 29.01
C VAL A 497 -14.44 10.41 30.09
N GLN A 498 -14.50 11.71 29.76
CA GLN A 498 -14.99 12.71 30.72
C GLN A 498 -16.53 12.72 30.59
N GLU A 499 -17.25 12.87 31.71
CA GLU A 499 -18.73 12.83 31.68
C GLU A 499 -19.38 13.95 30.84
N ALA A 500 -18.83 15.17 30.89
CA ALA A 500 -19.36 16.24 30.06
C ALA A 500 -18.71 16.12 28.69
N TRP A 501 -19.51 16.04 27.61
CA TRP A 501 -19.03 15.91 26.22
C TRP A 501 -18.02 17.00 25.87
N ALA A 502 -18.31 18.26 26.20
CA ALA A 502 -17.37 19.35 25.89
C ALA A 502 -16.01 19.16 26.53
N GLU A 503 -15.95 18.66 27.79
CA GLU A 503 -14.68 18.43 28.45
C GLU A 503 -13.93 17.24 27.81
N ASP A 504 -14.66 16.22 27.34
CA ASP A 504 -14.02 15.07 26.71
C ASP A 504 -13.45 15.48 25.33
N VAL A 505 -14.13 16.38 24.62
CA VAL A 505 -13.67 16.89 23.33
C VAL A 505 -12.39 17.68 23.57
N ASP A 506 -12.41 18.58 24.58
CA ASP A 506 -11.24 19.37 24.93
C ASP A 506 -10.04 18.50 25.29
N LEU A 507 -10.28 17.39 26.02
CA LEU A 507 -9.19 16.49 26.44
C LEU A 507 -8.53 15.85 25.22
N ARG A 508 -9.34 15.40 24.28
CA ARG A 508 -8.83 14.79 23.06
C ARG A 508 -8.10 15.80 22.17
N VAL A 509 -8.58 17.06 22.13
CA VAL A 509 -7.92 18.09 21.33
C VAL A 509 -6.56 18.40 22.00
N ASN A 510 -6.52 18.49 23.34
CA ASN A 510 -5.28 18.74 24.08
CA ASN A 510 -5.26 18.75 24.03
C ASN A 510 -4.27 17.62 23.86
N PHE A 511 -4.77 16.36 23.76
CA PHE A 511 -3.92 15.20 23.50
C PHE A 511 -3.25 15.40 22.11
N ALA A 512 -4.03 15.83 21.10
CA ALA A 512 -3.46 16.10 19.77
C ALA A 512 -2.45 17.25 19.77
N MET A 513 -2.70 18.29 20.56
CA MET A 513 -1.75 19.43 20.69
C MET A 513 -0.41 18.90 21.26
N ASN A 514 -0.49 17.99 22.23
CA ASN A 514 0.69 17.39 22.86
C ASN A 514 1.45 16.49 21.91
N VAL A 515 0.72 15.72 21.09
CA VAL A 515 1.32 14.87 20.06
C VAL A 515 2.06 15.75 19.04
N GLY A 516 1.40 16.78 18.50
CA GLY A 516 2.03 17.66 17.52
C GLY A 516 3.28 18.33 18.05
N LYS A 517 3.22 18.83 19.29
CA LYS A 517 4.41 19.46 19.89
C LYS A 517 5.51 18.44 20.08
N ALA A 518 5.18 17.25 20.63
CA ALA A 518 6.20 16.23 20.88
C ALA A 518 6.86 15.72 19.62
N ARG A 519 6.07 15.61 18.53
CA ARG A 519 6.61 15.08 17.29
C ARG A 519 7.21 16.14 16.36
N GLY A 520 7.25 17.39 16.80
CA GLY A 520 7.88 18.45 16.02
C GLY A 520 7.06 18.97 14.86
N PHE A 521 5.74 18.77 14.89
CA PHE A 521 4.87 19.27 13.82
C PHE A 521 4.59 20.74 13.97
N PHE A 522 4.46 21.20 15.23
CA PHE A 522 4.20 22.58 15.51
C PHE A 522 4.66 22.91 16.92
N LYS A 523 4.56 24.18 17.29
CA LYS A 523 4.98 24.63 18.60
C LYS A 523 3.99 25.67 19.15
N LYS A 524 4.11 26.01 20.44
CA LYS A 524 3.24 26.98 21.10
C LYS A 524 3.12 28.28 20.31
N GLY A 525 1.90 28.72 20.08
CA GLY A 525 1.66 29.94 19.34
C GLY A 525 1.36 29.73 17.87
N ASP A 526 1.74 28.56 17.30
CA ASP A 526 1.40 28.27 15.90
C ASP A 526 -0.13 28.16 15.77
N VAL A 527 -0.65 28.22 14.54
CA VAL A 527 -2.10 28.10 14.34
C VAL A 527 -2.43 26.70 13.79
N VAL A 528 -3.43 26.00 14.38
CA VAL A 528 -3.84 24.70 13.86
C VAL A 528 -5.37 24.71 13.61
N ILE A 529 -5.84 23.77 12.75
CA ILE A 529 -7.25 23.66 12.44
C ILE A 529 -7.79 22.51 13.27
N VAL A 530 -8.96 22.64 13.89
CA VAL A 530 -9.52 21.58 14.75
C VAL A 530 -10.93 21.26 14.30
N LEU A 531 -11.20 19.97 14.01
CA LEU A 531 -12.51 19.53 13.56
C LEU A 531 -13.13 18.63 14.59
N THR A 532 -14.35 18.98 15.02
CA THR A 532 -15.06 18.21 16.04
C THR A 532 -16.57 18.13 15.68
N GLY A 533 -17.33 17.34 16.44
CA GLY A 533 -18.77 17.23 16.21
C GLY A 533 -19.58 17.90 17.30
N TRP A 534 -20.90 17.97 17.10
CA TRP A 534 -21.79 18.63 18.07
C TRP A 534 -22.36 17.68 19.15
N ARG A 535 -22.20 16.36 18.97
CA ARG A 535 -22.69 15.34 19.90
C ARG A 535 -21.86 14.05 19.77
N PRO A 536 -21.91 13.13 20.77
CA PRO A 536 -21.13 11.89 20.66
C PRO A 536 -21.60 10.99 19.52
N GLY A 537 -20.71 10.12 19.05
CA GLY A 537 -21.06 9.18 17.98
C GLY A 537 -20.47 9.51 16.62
N SER A 538 -20.69 8.63 15.64
CA SER A 538 -20.21 8.83 14.28
C SER A 538 -21.15 9.70 13.44
N GLY A 539 -20.56 10.42 12.48
CA GLY A 539 -21.31 11.20 11.50
C GLY A 539 -21.78 12.58 11.88
N PHE A 540 -21.26 13.16 12.98
CA PHE A 540 -21.72 14.47 13.45
C PHE A 540 -20.66 15.58 13.33
N THR A 541 -19.55 15.34 12.60
CA THR A 541 -18.51 16.36 12.46
C THR A 541 -19.06 17.56 11.72
N ASN A 542 -19.10 18.70 12.38
CA ASN A 542 -19.65 19.89 11.75
C ASN A 542 -18.98 21.17 12.19
N THR A 543 -17.96 21.09 13.06
CA THR A 543 -17.35 22.29 13.62
C THR A 543 -15.90 22.36 13.30
N MET A 544 -15.50 23.50 12.76
CA MET A 544 -14.12 23.76 12.41
CA MET A 544 -14.11 23.76 12.41
C MET A 544 -13.66 24.98 13.21
N ARG A 545 -12.57 24.84 13.96
CA ARG A 545 -12.04 25.98 14.72
C ARG A 545 -10.59 26.24 14.34
N VAL A 546 -10.22 27.52 14.28
CA VAL A 546 -8.84 27.89 13.99
C VAL A 546 -8.29 28.38 15.34
N VAL A 547 -7.39 27.59 15.95
CA VAL A 547 -6.91 27.89 17.29
C VAL A 547 -5.38 27.89 17.43
N PRO A 548 -4.85 28.76 18.32
CA PRO A 548 -3.40 28.74 18.56
C PRO A 548 -3.03 27.55 19.46
N VAL A 549 -1.84 27.00 19.26
CA VAL A 549 -1.34 25.88 20.05
C VAL A 549 -0.98 26.38 21.45
N PRO A 550 -1.49 25.75 22.51
CA PRO A 550 -1.16 26.19 23.88
C PRO A 550 0.25 25.75 24.33
#